data_1AGX
#
_entry.id   1AGX
#
_cell.length_a   96.600
_cell.length_b   112.500
_cell.length_c   71.200
_cell.angle_alpha   90.00
_cell.angle_beta   90.00
_cell.angle_gamma   90.00
#
_symmetry.space_group_name_H-M   'I 2 2 2'
#
_entity_poly.entity_id   1
_entity_poly.type   'polypeptide(L)'
_entity_poly.pdbx_seq_one_letter_code
;KNNVVIVATGGTIAGAGASSTNSATYSAAKVPVDALIKAVPQVNDLANITGIQALQVASESITDKELLSLARQVNDLVKK
PSVNGVVITHGTDTMEETAFFLNLVVHTDKPIVLVGSMRPSTALSADGPLNLYSAVALASSNEAKNKGVMVLMNDSIFAA
RDVTKGINIHTHAFVSQWGALGTLVEGKPYWFRSSVKKHTNNSEFNIEKIQGDALPGVQIVYGSDNMMPDAYQAFAKAGV
KAIIHAGTGNGSMANYLVPEVRKLHDEQGLQIVRSSRVAQGFVLRNAEQPDDKYGWIAAHDLNPQKARLLMALALTKTND
AKEIQNMFWNY
;
_entity_poly.pdbx_strand_id   A
#
# COMPACT_ATOMS: atom_id res chain seq x y z
N LYS A 1 18.18 -16.20 14.45
CA LYS A 1 17.22 -16.81 15.36
C LYS A 1 16.38 -15.84 16.20
N ASN A 2 15.83 -14.91 15.46
CA ASN A 2 14.90 -13.88 15.86
C ASN A 2 13.50 -14.44 15.61
N ASN A 3 12.55 -13.85 16.32
CA ASN A 3 11.17 -14.35 16.13
C ASN A 3 10.46 -13.40 15.16
N VAL A 4 10.24 -13.97 14.00
CA VAL A 4 9.49 -13.23 12.96
C VAL A 4 8.06 -13.79 13.08
N VAL A 5 7.06 -12.90 12.94
CA VAL A 5 5.70 -13.51 12.98
C VAL A 5 5.17 -13.45 11.57
N ILE A 6 4.70 -14.57 11.05
CA ILE A 6 4.09 -14.46 9.69
C ILE A 6 2.59 -14.20 9.88
N VAL A 7 2.10 -13.08 9.39
CA VAL A 7 0.69 -12.68 9.52
C VAL A 7 -0.08 -12.84 8.22
N ALA A 8 -0.85 -13.92 8.11
CA ALA A 8 -1.59 -14.24 6.91
C ALA A 8 -2.86 -13.46 6.69
N THR A 9 -2.93 -12.80 5.53
CA THR A 9 -4.13 -12.05 5.12
C THR A 9 -4.90 -12.74 4.02
N GLY A 10 -4.42 -13.83 3.49
CA GLY A 10 -5.06 -14.52 2.32
C GLY A 10 -4.02 -14.43 1.18
N GLY A 11 -4.50 -14.07 0.01
CA GLY A 11 -3.73 -13.95 -1.22
C GLY A 11 -3.15 -15.24 -1.79
N THR A 12 -3.13 -15.38 -3.09
CA THR A 12 -2.65 -16.47 -3.93
C THR A 12 -1.64 -17.49 -3.43
N ILE A 13 -0.72 -17.16 -2.55
CA ILE A 13 0.31 -18.02 -1.97
C ILE A 13 -0.30 -18.80 -0.80
N ALA A 14 -0.80 -18.05 0.18
CA ALA A 14 -1.49 -18.62 1.35
C ALA A 14 -2.96 -18.82 0.93
N GLY A 15 -3.03 -19.45 -0.25
CA GLY A 15 -4.24 -19.81 -0.95
C GLY A 15 -4.17 -19.94 -2.44
N ALA A 16 -4.17 -21.18 -2.92
CA ALA A 16 -4.15 -21.45 -4.39
C ALA A 16 -5.34 -22.34 -4.74
N GLY A 17 -6.20 -21.81 -5.61
CA GLY A 17 -7.42 -22.46 -6.01
C GLY A 17 -7.74 -22.86 -7.42
N ALA A 18 -6.84 -23.49 -8.16
CA ALA A 18 -6.97 -24.05 -9.48
C ALA A 18 -5.75 -24.79 -10.06
N SER A 19 -4.95 -24.07 -10.81
CA SER A 19 -3.81 -24.44 -11.62
C SER A 19 -2.55 -25.00 -11.00
N SER A 20 -2.22 -26.21 -11.48
CA SER A 20 -1.02 -26.98 -11.25
C SER A 20 -0.08 -26.76 -12.50
N THR A 21 -0.46 -25.83 -13.35
CA THR A 21 0.24 -25.45 -14.58
C THR A 21 0.67 -23.99 -14.61
N ASN A 22 -0.18 -22.95 -14.62
CA ASN A 22 0.37 -21.54 -14.67
C ASN A 22 -0.54 -20.54 -13.97
N SER A 23 -0.08 -19.33 -13.90
CA SER A 23 -0.42 -18.06 -13.36
C SER A 23 -1.88 -17.66 -13.20
N ALA A 24 -2.47 -17.46 -14.36
CA ALA A 24 -3.81 -16.95 -14.57
C ALA A 24 -4.86 -17.27 -13.54
N THR A 25 -4.99 -18.46 -13.01
CA THR A 25 -6.02 -18.84 -12.01
C THR A 25 -5.69 -18.34 -10.61
N TYR A 26 -5.76 -17.02 -10.50
CA TYR A 26 -5.45 -16.39 -9.18
C TYR A 26 -6.80 -16.52 -8.42
N SER A 27 -6.85 -17.55 -7.60
CA SER A 27 -8.03 -17.89 -6.78
C SER A 27 -7.55 -18.33 -5.39
N ALA A 28 -7.63 -17.35 -4.50
CA ALA A 28 -7.25 -17.47 -3.10
C ALA A 28 -8.34 -18.09 -2.23
N ALA A 29 -8.49 -17.52 -1.04
CA ALA A 29 -9.38 -17.93 0.02
C ALA A 29 -8.86 -19.17 0.78
N LYS A 30 -8.04 -19.91 0.07
CA LYS A 30 -7.51 -21.20 0.28
C LYS A 30 -6.54 -21.77 1.25
N VAL A 31 -5.33 -21.33 1.48
CA VAL A 31 -4.31 -21.99 2.35
C VAL A 31 -3.84 -21.20 3.56
N PRO A 32 -4.49 -21.30 4.72
CA PRO A 32 -4.11 -20.59 5.95
C PRO A 32 -2.63 -20.77 6.30
N VAL A 33 -2.22 -19.84 7.13
CA VAL A 33 -0.87 -19.59 7.58
C VAL A 33 -0.03 -20.79 7.93
N ASP A 34 -0.64 -21.81 8.53
CA ASP A 34 0.24 -22.95 8.88
C ASP A 34 0.46 -23.81 7.63
N ALA A 35 -0.62 -23.89 6.86
CA ALA A 35 -0.60 -24.72 5.64
C ALA A 35 0.60 -24.31 4.80
N LEU A 36 0.94 -23.06 4.94
CA LEU A 36 2.00 -22.30 4.31
C LEU A 36 3.36 -22.54 4.97
N ILE A 37 3.45 -22.16 6.23
CA ILE A 37 4.66 -22.36 7.04
C ILE A 37 5.15 -23.80 6.87
N LYS A 38 4.20 -24.74 6.80
CA LYS A 38 4.56 -26.16 6.70
C LYS A 38 4.97 -26.55 5.30
N ALA A 39 4.66 -25.74 4.31
CA ALA A 39 5.03 -25.95 2.90
C ALA A 39 6.39 -25.37 2.55
N VAL A 40 6.85 -24.36 3.29
CA VAL A 40 8.22 -23.80 3.00
C VAL A 40 9.00 -23.95 4.31
N PRO A 41 9.20 -25.20 4.74
CA PRO A 41 9.79 -25.49 6.04
C PRO A 41 11.20 -25.01 6.28
N GLN A 42 11.78 -24.45 5.23
CA GLN A 42 13.17 -23.96 5.29
C GLN A 42 13.17 -22.64 6.07
N VAL A 43 11.96 -22.10 6.08
CA VAL A 43 11.74 -20.76 6.70
C VAL A 43 12.14 -20.82 8.16
N ASN A 44 11.97 -22.01 8.74
CA ASN A 44 12.35 -22.34 10.10
C ASN A 44 13.88 -22.36 10.31
N ASP A 45 14.64 -22.36 9.24
CA ASP A 45 16.11 -22.40 9.49
C ASP A 45 16.52 -20.93 9.68
N LEU A 46 15.62 -20.07 9.21
CA LEU A 46 15.92 -18.65 9.25
C LEU A 46 15.61 -18.05 10.60
N ALA A 47 14.51 -18.55 11.17
CA ALA A 47 14.15 -17.94 12.48
C ALA A 47 13.15 -18.72 13.27
N ASN A 48 12.69 -18.01 14.35
CA ASN A 48 11.63 -18.79 15.12
C ASN A 48 10.35 -18.25 14.51
N ILE A 49 9.59 -19.13 13.90
CA ILE A 49 8.33 -18.81 13.24
C ILE A 49 7.09 -19.03 14.06
N THR A 50 6.12 -18.15 13.88
CA THR A 50 4.79 -18.13 14.51
C THR A 50 3.76 -17.54 13.54
N GLY A 51 2.79 -18.30 13.07
CA GLY A 51 1.77 -17.80 12.14
C GLY A 51 0.41 -17.40 12.69
N ILE A 52 0.07 -16.13 12.43
CA ILE A 52 -1.22 -15.56 12.79
C ILE A 52 -2.11 -15.38 11.56
N GLN A 53 -3.32 -15.87 11.69
CA GLN A 53 -4.29 -15.71 10.57
C GLN A 53 -5.09 -14.43 10.84
N ALA A 54 -4.60 -13.28 10.46
CA ALA A 54 -5.28 -11.99 10.66
C ALA A 54 -6.59 -11.82 9.92
N LEU A 55 -6.68 -12.19 8.66
CA LEU A 55 -7.94 -12.14 7.84
C LEU A 55 -7.82 -13.37 6.92
N GLN A 56 -8.79 -13.62 6.05
CA GLN A 56 -8.58 -14.62 4.98
C GLN A 56 -9.39 -14.06 3.77
N VAL A 57 -9.00 -12.83 3.42
CA VAL A 57 -9.59 -12.07 2.31
C VAL A 57 -8.75 -12.30 1.03
N ALA A 58 -9.34 -11.85 -0.06
CA ALA A 58 -8.76 -11.77 -1.42
C ALA A 58 -8.40 -10.27 -1.59
N SER A 59 -7.21 -9.91 -1.94
CA SER A 59 -6.68 -8.60 -1.96
C SER A 59 -7.53 -7.44 -2.42
N GLU A 60 -8.13 -7.55 -3.58
CA GLU A 60 -8.88 -6.56 -4.28
C GLU A 60 -10.09 -6.04 -3.50
N SER A 61 -10.63 -6.87 -2.64
CA SER A 61 -11.77 -6.65 -1.77
C SER A 61 -11.53 -6.17 -0.34
N ILE A 62 -10.35 -5.71 -0.04
CA ILE A 62 -10.04 -5.18 1.26
C ILE A 62 -10.74 -3.84 1.37
N THR A 63 -11.19 -3.56 2.57
CA THR A 63 -11.77 -2.21 2.82
C THR A 63 -10.99 -1.55 3.96
N ASP A 64 -11.49 -0.42 4.39
CA ASP A 64 -10.82 0.35 5.47
C ASP A 64 -10.92 -0.47 6.75
N LYS A 65 -12.00 -1.14 7.01
CA LYS A 65 -12.15 -2.03 8.20
C LYS A 65 -11.03 -3.07 8.32
N GLU A 66 -10.67 -3.74 7.26
CA GLU A 66 -9.59 -4.72 7.11
C GLU A 66 -8.26 -4.01 7.23
N LEU A 67 -8.19 -2.82 6.71
CA LEU A 67 -6.93 -2.09 6.86
C LEU A 67 -6.74 -1.76 8.33
N LEU A 68 -7.72 -1.13 8.94
CA LEU A 68 -7.62 -0.67 10.35
C LEU A 68 -7.40 -1.81 11.32
N SER A 69 -7.90 -2.96 10.98
CA SER A 69 -7.81 -4.19 11.75
C SER A 69 -6.48 -4.89 11.54
N LEU A 70 -5.91 -4.90 10.34
CA LEU A 70 -4.57 -5.50 10.18
C LEU A 70 -3.53 -4.58 10.83
N ALA A 71 -3.66 -3.27 10.72
CA ALA A 71 -2.83 -2.22 11.25
C ALA A 71 -2.62 -2.33 12.80
N ARG A 72 -3.72 -2.64 13.42
CA ARG A 72 -3.86 -2.75 14.88
C ARG A 72 -3.23 -4.01 15.40
N GLN A 73 -3.45 -5.05 14.62
CA GLN A 73 -2.84 -6.35 14.93
C GLN A 73 -1.33 -6.18 14.71
N VAL A 74 -0.96 -5.54 13.60
CA VAL A 74 0.53 -5.43 13.33
C VAL A 74 1.17 -4.44 14.29
N ASN A 75 0.40 -3.56 14.86
CA ASN A 75 0.82 -2.62 15.89
C ASN A 75 0.97 -3.35 17.25
N ASP A 76 0.05 -4.19 17.65
CA ASP A 76 0.07 -4.97 18.88
C ASP A 76 1.23 -5.95 18.91
N LEU A 77 1.41 -6.58 17.79
CA LEU A 77 2.46 -7.58 17.55
C LEU A 77 3.80 -6.86 17.64
N VAL A 78 3.96 -5.77 16.91
CA VAL A 78 5.21 -5.00 16.89
C VAL A 78 5.62 -4.38 18.21
N LYS A 79 4.81 -4.17 19.20
CA LYS A 79 5.16 -3.62 20.50
C LYS A 79 5.82 -4.61 21.47
N LYS A 80 5.76 -5.87 21.14
CA LYS A 80 6.35 -6.90 21.99
C LYS A 80 7.84 -7.16 21.82
N PRO A 81 8.50 -7.13 22.98
CA PRO A 81 9.92 -7.44 23.05
C PRO A 81 10.28 -8.73 22.33
N SER A 82 9.39 -9.67 22.16
CA SER A 82 9.68 -10.95 21.50
C SER A 82 9.45 -11.02 20.00
N VAL A 83 8.82 -10.02 19.46
CA VAL A 83 8.53 -9.96 18.01
C VAL A 83 9.74 -9.12 17.55
N ASN A 84 10.51 -9.72 16.67
CA ASN A 84 11.69 -9.03 16.18
C ASN A 84 11.40 -8.34 14.84
N GLY A 85 10.59 -9.12 14.13
CA GLY A 85 10.17 -8.67 12.79
C GLY A 85 8.86 -9.34 12.40
N VAL A 86 8.23 -8.58 11.51
CA VAL A 86 6.91 -9.19 11.01
C VAL A 86 6.83 -9.33 9.52
N VAL A 87 6.28 -10.41 8.99
CA VAL A 87 6.10 -10.70 7.54
C VAL A 87 4.58 -10.81 7.30
N ILE A 88 4.10 -10.09 6.31
CA ILE A 88 2.71 -10.18 5.92
C ILE A 88 2.46 -10.81 4.56
N THR A 89 1.60 -11.81 4.57
CA THR A 89 1.26 -12.52 3.34
C THR A 89 0.02 -11.77 2.82
N HIS A 90 0.20 -11.30 1.60
CA HIS A 90 -0.80 -10.44 0.99
C HIS A 90 -1.12 -10.64 -0.44
N GLY A 91 -2.36 -10.39 -0.87
CA GLY A 91 -2.67 -10.62 -2.33
C GLY A 91 -1.93 -9.52 -3.06
N THR A 92 -1.46 -9.81 -4.25
CA THR A 92 -0.64 -8.80 -4.93
C THR A 92 -1.40 -7.57 -5.37
N ASP A 93 -2.65 -7.63 -5.75
CA ASP A 93 -3.42 -6.52 -6.27
C ASP A 93 -3.44 -5.19 -5.53
N THR A 94 -3.59 -5.29 -4.25
CA THR A 94 -3.74 -4.14 -3.27
C THR A 94 -2.66 -4.17 -2.22
N MET A 95 -1.62 -4.93 -2.45
CA MET A 95 -0.48 -4.99 -1.48
C MET A 95 0.06 -3.60 -1.24
N GLU A 96 0.33 -2.94 -2.34
CA GLU A 96 0.85 -1.57 -2.41
C GLU A 96 0.16 -0.68 -1.36
N GLU A 97 -1.15 -0.73 -1.27
CA GLU A 97 -2.10 -0.12 -0.41
C GLU A 97 -1.94 -0.45 1.07
N THR A 98 -1.90 -1.71 1.39
CA THR A 98 -1.64 -1.99 2.81
C THR A 98 -0.24 -1.52 3.25
N ALA A 99 0.82 -1.68 2.50
CA ALA A 99 2.19 -1.29 2.90
C ALA A 99 2.13 0.24 2.99
N PHE A 100 1.51 1.00 2.09
CA PHE A 100 1.47 2.47 2.28
C PHE A 100 0.85 2.83 3.64
N PHE A 101 -0.30 2.24 3.92
CA PHE A 101 -1.06 2.45 5.18
C PHE A 101 -0.25 2.16 6.43
N LEU A 102 0.28 0.97 6.55
CA LEU A 102 1.10 0.62 7.71
C LEU A 102 2.34 1.48 7.80
N ASN A 103 2.97 1.97 6.79
CA ASN A 103 4.12 2.75 6.51
C ASN A 103 3.94 4.11 7.29
N LEU A 104 2.66 4.33 7.24
CA LEU A 104 2.06 5.53 7.71
C LEU A 104 1.66 5.56 9.15
N VAL A 105 0.74 4.71 9.54
CA VAL A 105 0.24 4.65 10.92
C VAL A 105 0.94 3.71 11.85
N VAL A 106 1.92 2.90 11.54
CA VAL A 106 2.52 2.01 12.57
C VAL A 106 3.76 2.62 13.20
N HIS A 107 3.74 2.99 14.48
CA HIS A 107 5.01 3.56 15.01
C HIS A 107 6.00 2.51 15.53
N THR A 108 6.84 2.01 14.64
CA THR A 108 7.90 1.05 15.01
C THR A 108 9.14 1.17 14.13
N ASP A 109 10.28 0.73 14.63
CA ASP A 109 11.57 0.64 13.95
C ASP A 109 11.81 -0.78 13.37
N LYS A 110 11.18 -1.82 13.81
CA LYS A 110 11.27 -3.20 13.36
C LYS A 110 10.70 -3.42 11.94
N PRO A 111 11.35 -4.31 11.17
CA PRO A 111 11.02 -4.71 9.88
C PRO A 111 9.61 -5.23 9.63
N ILE A 112 8.88 -4.51 8.76
CA ILE A 112 7.52 -4.89 8.41
C ILE A 112 7.55 -5.10 6.87
N VAL A 113 7.46 -6.34 6.49
CA VAL A 113 7.58 -6.87 5.14
C VAL A 113 6.30 -7.43 4.58
N LEU A 114 5.87 -6.97 3.44
CA LEU A 114 4.61 -7.56 2.85
C LEU A 114 5.29 -8.25 1.70
N VAL A 115 4.90 -9.49 1.60
CA VAL A 115 5.35 -10.51 0.71
C VAL A 115 4.10 -11.06 0.00
N GLY A 116 4.23 -11.52 -1.23
CA GLY A 116 3.13 -12.09 -2.04
C GLY A 116 3.64 -13.04 -3.11
N SER A 117 2.75 -13.46 -4.01
CA SER A 117 3.04 -14.42 -5.09
C SER A 117 2.28 -14.16 -6.36
N MET A 118 2.86 -14.07 -7.54
CA MET A 118 2.08 -13.86 -8.75
C MET A 118 1.48 -15.12 -9.39
N ARG A 119 1.77 -16.31 -8.88
CA ARG A 119 1.31 -17.61 -9.36
C ARG A 119 0.64 -18.36 -8.19
N PRO A 120 -0.44 -19.10 -8.46
CA PRO A 120 -1.10 -19.89 -7.44
C PRO A 120 -0.13 -20.81 -6.73
N SER A 121 -0.28 -21.10 -5.47
CA SER A 121 0.74 -21.99 -4.84
C SER A 121 0.93 -23.21 -5.70
N THR A 122 0.08 -23.58 -6.61
CA THR A 122 0.19 -24.81 -7.40
C THR A 122 0.68 -24.77 -8.83
N ALA A 123 0.92 -23.60 -9.40
CA ALA A 123 1.42 -23.48 -10.77
C ALA A 123 2.86 -23.96 -10.78
N LEU A 124 3.29 -24.45 -11.91
CA LEU A 124 4.69 -24.83 -12.16
C LEU A 124 5.46 -23.50 -11.94
N SER A 125 6.64 -23.62 -11.39
CA SER A 125 7.57 -22.57 -11.05
C SER A 125 6.98 -21.47 -10.18
N ALA A 126 6.22 -21.82 -9.17
CA ALA A 126 5.56 -20.89 -8.24
C ALA A 126 6.58 -20.08 -7.43
N ASP A 127 6.31 -18.78 -7.44
CA ASP A 127 7.14 -17.74 -6.86
C ASP A 127 7.06 -17.60 -5.36
N GLY A 128 5.92 -17.88 -4.78
CA GLY A 128 5.68 -17.81 -3.34
C GLY A 128 6.78 -18.27 -2.42
N PRO A 129 7.16 -19.55 -2.44
CA PRO A 129 8.18 -20.09 -1.56
C PRO A 129 9.46 -19.29 -1.42
N LEU A 130 10.13 -19.02 -2.52
CA LEU A 130 11.42 -18.33 -2.52
C LEU A 130 11.09 -16.95 -1.98
N ASN A 131 9.87 -16.44 -2.16
CA ASN A 131 9.56 -15.09 -1.63
C ASN A 131 9.28 -15.17 -0.12
N LEU A 132 8.51 -16.12 0.40
CA LEU A 132 8.19 -16.28 1.83
C LEU A 132 9.50 -16.47 2.61
N TYR A 133 10.35 -17.30 2.06
CA TYR A 133 11.63 -17.65 2.74
C TYR A 133 12.50 -16.41 2.82
N SER A 134 12.69 -15.79 1.67
CA SER A 134 13.45 -14.56 1.51
C SER A 134 12.81 -13.43 2.30
N ALA A 135 11.48 -13.47 2.40
CA ALA A 135 10.82 -12.32 3.08
C ALA A 135 11.24 -12.43 4.54
N VAL A 136 11.18 -13.68 4.96
CA VAL A 136 11.64 -14.09 6.28
C VAL A 136 13.07 -13.70 6.60
N ALA A 137 14.07 -13.90 5.77
CA ALA A 137 15.48 -13.60 6.06
C ALA A 137 15.71 -12.13 6.40
N LEU A 138 14.83 -11.27 5.96
CA LEU A 138 14.93 -9.80 6.18
C LEU A 138 14.22 -9.45 7.47
N ALA A 139 13.01 -9.98 7.61
CA ALA A 139 12.25 -9.67 8.85
C ALA A 139 13.03 -10.15 10.08
N SER A 140 13.90 -11.10 9.85
CA SER A 140 14.74 -11.66 10.92
C SER A 140 16.11 -10.99 10.85
N SER A 141 16.30 -10.20 9.80
CA SER A 141 17.55 -9.48 9.69
C SER A 141 17.67 -8.40 10.79
N ASN A 142 18.86 -8.41 11.35
CA ASN A 142 19.33 -7.47 12.39
C ASN A 142 19.59 -6.06 11.88
N GLU A 143 19.62 -5.88 10.57
CA GLU A 143 19.88 -4.64 9.84
C GLU A 143 18.75 -4.23 8.90
N ALA A 144 17.54 -4.63 9.24
CA ALA A 144 16.31 -4.30 8.54
C ALA A 144 15.49 -3.21 9.21
N LYS A 145 15.96 -2.61 10.28
CA LYS A 145 15.31 -1.55 11.06
C LYS A 145 15.37 -0.14 10.50
N ASN A 146 14.26 0.58 10.55
CA ASN A 146 14.11 1.97 10.10
C ASN A 146 14.25 2.21 8.59
N LYS A 147 13.73 1.25 7.86
CA LYS A 147 13.72 1.23 6.39
C LYS A 147 12.31 1.69 5.96
N GLY A 148 11.48 1.66 7.02
CA GLY A 148 10.06 1.95 6.84
C GLY A 148 9.49 0.52 6.61
N VAL A 149 8.40 0.53 5.91
CA VAL A 149 7.72 -0.75 5.59
C VAL A 149 8.33 -1.17 4.28
N MET A 150 8.45 -2.47 4.07
CA MET A 150 9.05 -2.87 2.79
C MET A 150 8.22 -3.97 2.13
N VAL A 151 8.29 -4.03 0.82
CA VAL A 151 7.74 -5.11 -0.01
C VAL A 151 9.11 -5.76 -0.53
N LEU A 152 8.89 -7.05 -0.62
CA LEU A 152 9.75 -8.13 -1.00
C LEU A 152 9.03 -9.08 -2.00
N MET A 153 9.34 -8.80 -3.26
CA MET A 153 8.95 -9.52 -4.46
C MET A 153 10.12 -9.62 -5.47
N ASN A 154 10.41 -10.78 -5.98
CA ASN A 154 11.39 -11.18 -6.98
C ASN A 154 12.79 -10.75 -6.49
N ASP A 155 13.07 -11.19 -5.30
CA ASP A 155 14.30 -10.90 -4.57
C ASP A 155 14.56 -9.41 -4.31
N SER A 156 13.63 -8.56 -4.67
CA SER A 156 13.80 -7.09 -4.50
C SER A 156 13.30 -6.59 -3.20
N ILE A 157 13.91 -5.68 -2.48
CA ILE A 157 13.39 -5.13 -1.21
C ILE A 157 12.77 -3.82 -1.59
N PHE A 158 11.52 -3.55 -1.62
CA PHE A 158 10.93 -2.26 -2.04
C PHE A 158 10.46 -1.42 -0.84
N ALA A 159 10.58 -0.12 -1.00
CA ALA A 159 10.06 0.83 0.02
C ALA A 159 8.55 0.91 -0.21
N ALA A 160 7.73 0.77 0.81
CA ALA A 160 6.28 0.89 0.70
C ALA A 160 5.76 2.12 0.01
N ARG A 161 6.39 3.28 0.13
CA ARG A 161 5.87 4.51 -0.38
C ARG A 161 5.64 4.64 -1.89
N ASP A 162 6.44 3.91 -2.65
CA ASP A 162 6.39 3.99 -4.08
C ASP A 162 6.25 2.69 -4.84
N VAL A 163 6.26 1.57 -4.15
CA VAL A 163 6.11 0.25 -4.84
C VAL A 163 4.69 0.00 -5.33
N THR A 164 4.57 -0.37 -6.59
CA THR A 164 3.25 -0.64 -7.19
C THR A 164 3.41 -1.68 -8.28
N LYS A 165 2.23 -2.22 -8.46
CA LYS A 165 1.97 -3.27 -9.47
C LYS A 165 2.07 -2.63 -10.83
N GLY A 166 3.21 -2.84 -11.54
CA GLY A 166 3.31 -2.26 -12.89
C GLY A 166 3.12 -3.28 -13.96
N ILE A 167 3.31 -4.56 -13.74
CA ILE A 167 3.13 -5.62 -14.77
C ILE A 167 2.12 -6.71 -14.41
N ASN A 168 1.42 -7.40 -15.31
CA ASN A 168 0.34 -8.29 -14.96
C ASN A 168 0.40 -9.77 -15.08
N ILE A 169 1.36 -10.43 -15.67
CA ILE A 169 1.24 -11.88 -15.62
C ILE A 169 2.52 -12.44 -14.98
N HIS A 170 3.56 -11.65 -15.23
CA HIS A 170 4.91 -11.94 -14.75
C HIS A 170 5.20 -11.93 -13.30
N THR A 171 6.16 -12.78 -12.90
CA THR A 171 6.62 -12.84 -11.51
C THR A 171 7.25 -11.53 -11.05
N HIS A 172 7.52 -10.62 -11.97
CA HIS A 172 8.18 -9.37 -11.60
C HIS A 172 7.39 -8.10 -11.85
N ALA A 173 6.13 -8.19 -11.47
CA ALA A 173 5.01 -7.29 -11.50
C ALA A 173 5.16 -6.03 -10.69
N PHE A 174 5.95 -5.99 -9.62
CA PHE A 174 6.37 -4.93 -8.75
C PHE A 174 7.62 -4.17 -9.12
N VAL A 175 7.32 -2.94 -9.43
CA VAL A 175 8.24 -1.88 -9.86
C VAL A 175 8.12 -0.67 -8.89
N SER A 176 8.94 0.35 -9.12
CA SER A 176 9.12 1.63 -8.49
C SER A 176 9.92 2.61 -9.34
N GLN A 177 9.60 3.92 -9.38
CA GLN A 177 10.42 4.80 -10.17
C GLN A 177 11.70 5.38 -9.62
N TRP A 178 11.70 5.15 -8.32
CA TRP A 178 12.86 5.67 -7.53
C TRP A 178 13.70 4.48 -7.13
N GLY A 179 13.12 3.37 -7.55
CA GLY A 179 13.70 2.09 -7.35
C GLY A 179 13.51 1.40 -6.01
N ALA A 180 14.13 0.24 -5.90
CA ALA A 180 14.19 -0.68 -4.77
C ALA A 180 15.17 -0.24 -3.68
N LEU A 181 14.92 -0.52 -2.43
CA LEU A 181 15.95 -0.09 -1.46
C LEU A 181 17.13 -1.01 -1.73
N GLY A 182 16.83 -2.24 -2.16
CA GLY A 182 17.96 -3.18 -2.37
C GLY A 182 17.38 -4.51 -2.83
N THR A 183 18.20 -5.54 -2.79
CA THR A 183 17.95 -6.92 -3.20
C THR A 183 18.24 -7.90 -2.07
N LEU A 184 17.57 -9.00 -2.00
CA LEU A 184 17.85 -10.06 -0.97
C LEU A 184 18.25 -11.31 -1.79
N VAL A 185 19.48 -11.77 -1.73
CA VAL A 185 19.87 -12.96 -2.49
C VAL A 185 20.55 -13.97 -1.53
N GLU A 186 20.07 -15.20 -1.70
CA GLU A 186 20.59 -16.32 -0.90
C GLU A 186 20.75 -15.88 0.54
N GLY A 187 19.66 -15.65 1.24
CA GLY A 187 19.51 -15.25 2.63
C GLY A 187 19.92 -13.87 3.12
N LYS A 188 20.84 -13.28 2.38
CA LYS A 188 21.37 -12.01 2.66
C LYS A 188 20.83 -10.76 1.98
N PRO A 189 20.52 -9.73 2.77
CA PRO A 189 20.11 -8.43 2.23
C PRO A 189 21.25 -7.54 1.72
N TYR A 190 21.08 -6.90 0.57
CA TYR A 190 22.02 -5.93 -0.01
C TYR A 190 21.27 -4.59 -0.24
N TRP A 191 21.69 -3.55 0.40
CA TRP A 191 21.30 -2.13 0.42
C TRP A 191 22.10 -1.22 -0.51
N PHE A 192 21.33 -0.30 -1.10
CA PHE A 192 21.80 0.73 -2.03
C PHE A 192 21.25 2.13 -1.81
N ARG A 193 19.96 2.24 -1.53
CA ARG A 193 19.27 3.50 -1.29
C ARG A 193 18.46 3.44 0.02
N SER A 194 18.04 4.61 0.47
CA SER A 194 17.19 4.82 1.64
C SER A 194 16.16 5.93 1.30
N SER A 195 14.93 5.78 1.76
CA SER A 195 13.88 6.80 1.44
C SER A 195 14.22 8.08 2.01
N VAL A 196 13.78 9.18 1.49
CA VAL A 196 14.04 10.47 2.23
C VAL A 196 12.76 11.02 2.82
N LYS A 197 11.78 10.14 2.95
CA LYS A 197 10.46 10.46 3.47
C LYS A 197 10.23 10.03 4.91
N LYS A 198 9.09 10.51 5.41
CA LYS A 198 8.59 10.25 6.74
C LYS A 198 7.75 8.95 6.74
N HIS A 199 8.08 8.11 7.67
CA HIS A 199 7.41 6.81 7.84
C HIS A 199 7.51 6.44 9.33
N THR A 200 6.90 5.37 9.68
CA THR A 200 6.87 4.72 10.97
C THR A 200 7.13 5.58 12.19
N ASN A 201 8.25 5.58 12.86
CA ASN A 201 8.37 6.41 14.08
C ASN A 201 8.29 7.93 13.80
N ASN A 202 8.45 8.40 12.59
CA ASN A 202 8.47 9.89 12.36
C ASN A 202 7.32 10.27 11.43
N SER A 203 6.14 10.07 11.85
CA SER A 203 4.86 10.15 11.20
C SER A 203 3.67 10.60 12.05
N GLU A 204 3.17 11.73 11.59
CA GLU A 204 1.99 12.34 12.26
C GLU A 204 0.96 11.32 12.70
N PHE A 205 0.55 10.47 11.78
CA PHE A 205 -0.49 9.46 11.94
C PHE A 205 -0.09 8.31 12.86
N ASN A 206 -1.14 7.65 13.35
CA ASN A 206 -1.02 6.54 14.31
C ASN A 206 -2.24 5.61 14.47
N ILE A 207 -2.37 4.29 14.18
CA ILE A 207 -3.60 3.56 14.47
C ILE A 207 -3.97 3.62 15.97
N GLU A 208 -2.97 3.73 16.81
CA GLU A 208 -3.29 3.87 18.24
C GLU A 208 -4.23 5.07 18.39
N LYS A 209 -3.97 6.22 17.78
CA LYS A 209 -4.84 7.41 17.87
C LYS A 209 -6.13 7.28 17.06
N ILE A 210 -6.24 6.46 16.04
CA ILE A 210 -7.43 6.27 15.20
C ILE A 210 -8.34 5.20 15.82
N GLN A 211 -9.58 5.58 16.08
CA GLN A 211 -10.57 4.73 16.75
C GLN A 211 -11.76 4.20 16.00
N GLY A 212 -12.15 4.74 14.87
CA GLY A 212 -13.35 4.19 14.16
C GLY A 212 -13.18 2.73 13.77
N ASP A 213 -13.69 2.46 12.58
CA ASP A 213 -13.67 1.15 11.89
C ASP A 213 -13.84 1.49 10.38
N ALA A 214 -13.52 2.74 10.16
CA ALA A 214 -13.59 3.46 8.89
C ALA A 214 -12.86 4.80 8.98
N LEU A 215 -12.43 5.34 7.88
CA LEU A 215 -11.76 6.68 7.81
C LEU A 215 -12.75 7.56 7.02
N PRO A 216 -12.57 8.86 7.00
CA PRO A 216 -13.45 9.72 6.21
C PRO A 216 -13.42 9.38 4.73
N GLY A 217 -14.56 9.43 4.10
CA GLY A 217 -14.79 9.16 2.68
C GLY A 217 -13.94 10.00 1.75
N VAL A 218 -13.12 9.29 1.02
CA VAL A 218 -12.18 9.73 -0.02
C VAL A 218 -12.34 8.70 -1.16
N GLN A 219 -12.51 9.23 -2.36
CA GLN A 219 -12.87 8.32 -3.48
C GLN A 219 -12.27 8.86 -4.77
N ILE A 220 -11.95 7.95 -5.66
CA ILE A 220 -11.26 8.27 -6.89
C ILE A 220 -12.04 8.43 -8.16
N VAL A 221 -11.92 9.52 -8.91
CA VAL A 221 -12.59 9.75 -10.24
C VAL A 221 -11.48 9.70 -11.31
N TYR A 222 -11.50 8.84 -12.32
CA TYR A 222 -10.49 8.63 -13.35
C TYR A 222 -10.60 9.55 -14.57
N GLY A 223 -9.49 10.16 -14.99
CA GLY A 223 -9.44 11.05 -16.13
C GLY A 223 -9.18 10.37 -17.47
N SER A 224 -9.91 10.89 -18.44
CA SER A 224 -9.81 10.53 -19.86
C SER A 224 -10.52 11.65 -20.65
N ASP A 225 -10.47 11.46 -21.96
CA ASP A 225 -11.14 12.55 -22.78
C ASP A 225 -12.59 12.18 -22.67
N ASN A 226 -13.56 12.88 -23.06
CA ASN A 226 -15.04 12.82 -23.01
C ASN A 226 -15.59 12.40 -21.64
N MET A 227 -15.33 13.16 -20.59
CA MET A 227 -15.73 12.84 -19.21
C MET A 227 -17.05 13.52 -18.88
N MET A 228 -17.63 13.09 -17.77
CA MET A 228 -18.88 13.62 -17.25
C MET A 228 -18.67 13.88 -15.73
N PRO A 229 -19.43 14.83 -15.24
CA PRO A 229 -19.39 15.20 -13.82
C PRO A 229 -20.21 14.26 -12.97
N ASP A 230 -20.81 13.26 -13.55
CA ASP A 230 -21.66 12.31 -12.79
C ASP A 230 -20.99 11.62 -11.60
N ALA A 231 -19.81 11.05 -11.60
CA ALA A 231 -19.17 10.42 -10.44
C ALA A 231 -18.93 11.44 -9.32
N TYR A 232 -18.43 12.61 -9.64
CA TYR A 232 -18.16 13.65 -8.62
C TYR A 232 -19.44 13.89 -7.77
N GLN A 233 -20.45 14.15 -8.59
CA GLN A 233 -21.81 14.49 -8.15
C GLN A 233 -22.41 13.35 -7.36
N ALA A 234 -22.20 12.12 -7.80
CA ALA A 234 -22.65 10.91 -7.09
C ALA A 234 -21.93 10.83 -5.74
N PHE A 235 -20.63 10.93 -5.70
CA PHE A 235 -19.76 10.93 -4.51
C PHE A 235 -20.02 12.10 -3.55
N ALA A 236 -20.22 13.34 -3.97
CA ALA A 236 -20.51 14.47 -3.08
C ALA A 236 -21.81 14.14 -2.31
N LYS A 237 -22.80 13.83 -3.14
CA LYS A 237 -24.17 13.48 -2.75
C LYS A 237 -24.20 12.26 -1.84
N ALA A 238 -23.13 11.50 -1.80
CA ALA A 238 -23.02 10.31 -0.95
C ALA A 238 -22.32 10.66 0.36
N GLY A 239 -21.65 11.82 0.32
CA GLY A 239 -20.99 12.32 1.51
C GLY A 239 -19.55 11.91 1.70
N VAL A 240 -18.81 12.05 0.62
CA VAL A 240 -17.36 11.83 0.69
C VAL A 240 -16.81 13.24 0.95
N LYS A 241 -15.73 13.23 1.74
CA LYS A 241 -15.00 14.42 2.15
C LYS A 241 -14.07 14.98 1.09
N ALA A 242 -13.43 14.22 0.27
CA ALA A 242 -12.56 14.58 -0.86
C ALA A 242 -12.62 13.62 -2.06
N ILE A 243 -12.26 14.17 -3.25
CA ILE A 243 -12.23 13.34 -4.47
C ILE A 243 -10.78 13.31 -4.94
N ILE A 244 -10.26 12.13 -5.22
CA ILE A 244 -8.91 12.19 -5.85
C ILE A 244 -9.25 12.07 -7.35
N HIS A 245 -8.83 13.15 -8.01
CA HIS A 245 -8.97 13.33 -9.47
C HIS A 245 -7.78 12.67 -10.17
N ALA A 246 -8.00 11.50 -10.75
CA ALA A 246 -6.98 10.74 -11.47
C ALA A 246 -6.81 11.47 -12.82
N GLY A 247 -6.25 12.68 -12.73
CA GLY A 247 -6.15 13.52 -13.91
C GLY A 247 -5.32 12.96 -15.01
N THR A 248 -5.65 13.25 -16.26
CA THR A 248 -4.80 12.86 -17.42
C THR A 248 -3.45 13.65 -17.27
N GLY A 249 -2.36 13.26 -17.86
CA GLY A 249 -1.10 13.99 -17.75
C GLY A 249 -0.68 14.47 -16.39
N ASN A 250 -0.43 15.77 -16.32
CA ASN A 250 0.05 16.34 -15.02
C ASN A 250 -1.03 16.75 -14.04
N GLY A 251 -2.09 16.01 -13.79
CA GLY A 251 -3.16 16.34 -12.86
C GLY A 251 -4.37 17.06 -13.48
N SER A 252 -4.33 17.14 -14.80
CA SER A 252 -5.29 17.76 -15.63
C SER A 252 -6.77 17.54 -15.46
N MET A 253 -7.47 18.67 -15.38
CA MET A 253 -8.90 18.83 -15.32
C MET A 253 -9.40 19.49 -16.65
N ALA A 254 -10.43 18.79 -17.14
CA ALA A 254 -11.15 19.20 -18.36
C ALA A 254 -11.91 20.47 -18.04
N ASN A 255 -11.79 21.51 -18.82
CA ASN A 255 -12.42 22.79 -18.69
C ASN A 255 -13.97 22.76 -18.62
N TYR A 256 -14.57 21.66 -19.07
CA TYR A 256 -16.00 21.44 -18.87
C TYR A 256 -16.18 21.04 -17.40
N LEU A 257 -15.25 20.50 -16.62
CA LEU A 257 -15.48 20.14 -15.20
C LEU A 257 -14.95 21.17 -14.23
N VAL A 258 -13.96 21.97 -14.57
CA VAL A 258 -13.47 22.90 -13.51
C VAL A 258 -14.68 23.61 -12.93
N PRO A 259 -15.54 24.20 -13.73
CA PRO A 259 -16.80 24.84 -13.25
C PRO A 259 -17.46 23.98 -12.18
N GLU A 260 -17.82 22.77 -12.54
CA GLU A 260 -18.42 21.75 -11.72
C GLU A 260 -17.64 21.35 -10.49
N VAL A 261 -16.43 20.86 -10.64
CA VAL A 261 -15.51 20.47 -9.55
C VAL A 261 -15.24 21.66 -8.63
N ARG A 262 -15.08 22.87 -9.18
CA ARG A 262 -14.95 24.04 -8.30
C ARG A 262 -16.14 24.14 -7.33
N LYS A 263 -17.39 24.22 -7.77
CA LYS A 263 -18.56 24.27 -6.88
C LYS A 263 -18.58 23.15 -5.93
N LEU A 264 -18.33 21.92 -6.32
CA LEU A 264 -18.35 20.77 -5.40
C LEU A 264 -17.40 20.94 -4.22
N HIS A 265 -16.46 21.83 -4.41
CA HIS A 265 -15.44 22.14 -3.36
C HIS A 265 -15.85 23.39 -2.63
N ASP A 266 -16.20 24.48 -3.28
CA ASP A 266 -16.68 25.78 -2.81
C ASP A 266 -17.98 25.80 -1.99
N GLU A 267 -18.97 25.14 -2.50
CA GLU A 267 -20.29 24.95 -1.98
C GLU A 267 -20.47 23.81 -0.98
N GLN A 268 -20.24 22.58 -1.42
CA GLN A 268 -20.47 21.39 -0.61
C GLN A 268 -19.23 20.98 0.17
N GLY A 269 -18.21 21.80 0.20
CA GLY A 269 -16.96 21.64 0.92
C GLY A 269 -16.05 20.47 0.63
N LEU A 270 -16.18 19.87 -0.58
CA LEU A 270 -15.40 18.71 -1.02
C LEU A 270 -13.89 19.04 -1.06
N GLN A 271 -12.98 18.17 -0.74
CA GLN A 271 -11.54 18.52 -0.89
C GLN A 271 -11.15 18.04 -2.30
N ILE A 272 -10.20 18.68 -2.96
CA ILE A 272 -9.84 18.19 -4.30
C ILE A 272 -8.37 17.94 -4.49
N VAL A 273 -7.97 16.69 -4.60
CA VAL A 273 -6.57 16.27 -4.80
C VAL A 273 -6.42 15.90 -6.28
N ARG A 274 -5.55 16.59 -6.93
CA ARG A 274 -5.17 16.46 -8.34
C ARG A 274 -3.98 15.49 -8.49
N SER A 275 -4.28 14.25 -8.87
CA SER A 275 -3.22 13.22 -9.07
C SER A 275 -3.23 12.82 -10.55
N SER A 276 -2.49 11.75 -10.92
CA SER A 276 -2.61 11.31 -12.31
C SER A 276 -2.73 9.79 -12.51
N ARG A 277 -2.93 9.55 -13.78
CA ARG A 277 -3.13 8.26 -14.43
C ARG A 277 -1.83 7.78 -15.06
N VAL A 278 -0.88 8.71 -15.05
CA VAL A 278 0.52 8.61 -15.51
C VAL A 278 1.35 8.04 -14.39
N ALA A 279 1.95 6.89 -14.36
CA ALA A 279 2.58 6.30 -13.17
C ALA A 279 3.85 6.92 -12.60
N GLN A 280 4.64 7.50 -13.47
CA GLN A 280 5.87 8.14 -13.13
C GLN A 280 5.99 9.68 -13.33
N GLY A 281 6.89 10.26 -12.56
CA GLY A 281 7.06 11.76 -12.57
C GLY A 281 6.03 12.18 -11.50
N PHE A 282 5.77 13.46 -11.35
CA PHE A 282 4.80 13.82 -10.32
C PHE A 282 4.07 15.07 -10.76
N VAL A 283 2.99 15.28 -10.09
CA VAL A 283 2.07 16.38 -10.29
C VAL A 283 2.57 17.54 -9.44
N LEU A 284 3.06 18.54 -10.19
CA LEU A 284 3.57 19.80 -9.70
C LEU A 284 2.40 20.67 -9.29
N ARG A 285 2.47 21.23 -8.08
CA ARG A 285 1.37 22.13 -7.66
C ARG A 285 1.43 23.41 -8.50
N ASN A 286 0.32 24.05 -8.73
CA ASN A 286 0.06 25.29 -9.44
C ASN A 286 0.32 25.22 -10.97
N ALA A 287 0.86 24.14 -11.43
CA ALA A 287 1.18 23.86 -12.82
C ALA A 287 0.10 23.93 -13.88
N GLU A 288 -0.68 22.85 -13.91
CA GLU A 288 -1.78 22.62 -14.88
C GLU A 288 -3.15 23.03 -14.38
N GLN A 289 -3.31 23.49 -13.16
CA GLN A 289 -4.55 24.10 -12.60
C GLN A 289 -4.04 24.96 -11.42
N PRO A 290 -4.56 26.13 -11.14
CA PRO A 290 -4.06 26.97 -10.01
C PRO A 290 -4.65 26.58 -8.66
N ASP A 291 -4.07 25.63 -7.97
CA ASP A 291 -4.53 25.08 -6.71
C ASP A 291 -4.79 26.20 -5.65
N ASP A 292 -3.85 27.12 -5.74
CA ASP A 292 -3.82 28.27 -4.79
C ASP A 292 -5.11 29.08 -4.97
N LYS A 293 -5.40 29.37 -6.23
CA LYS A 293 -6.60 30.11 -6.61
C LYS A 293 -7.81 29.30 -6.13
N TYR A 294 -7.85 28.02 -6.48
CA TYR A 294 -8.92 27.11 -6.25
C TYR A 294 -9.04 26.37 -4.95
N GLY A 295 -8.03 26.36 -4.18
CA GLY A 295 -8.04 25.69 -2.88
C GLY A 295 -7.84 24.19 -3.09
N TRP A 296 -7.12 23.75 -4.13
CA TRP A 296 -6.88 22.29 -4.33
C TRP A 296 -5.54 21.78 -3.82
N ILE A 297 -5.24 20.51 -3.96
CA ILE A 297 -3.96 19.91 -3.53
C ILE A 297 -3.21 19.18 -4.66
N ALA A 298 -1.89 19.31 -4.80
CA ALA A 298 -1.07 18.62 -5.79
C ALA A 298 -0.58 17.33 -5.10
N ALA A 299 -1.17 16.17 -5.52
CA ALA A 299 -0.66 14.97 -4.84
C ALA A 299 0.72 14.44 -5.13
N HIS A 300 1.60 15.28 -5.63
CA HIS A 300 3.01 14.95 -5.90
C HIS A 300 3.17 13.67 -6.66
N ASP A 301 3.75 12.59 -6.13
CA ASP A 301 4.03 11.34 -6.84
C ASP A 301 3.32 10.09 -6.36
N LEU A 302 2.21 10.28 -5.66
CA LEU A 302 1.37 9.19 -5.13
C LEU A 302 0.40 8.75 -6.23
N ASN A 303 0.29 7.50 -6.56
CA ASN A 303 -0.72 7.05 -7.56
C ASN A 303 -2.09 7.20 -6.91
N PRO A 304 -3.14 7.23 -7.70
CA PRO A 304 -4.49 7.48 -7.13
C PRO A 304 -4.76 6.69 -5.89
N GLN A 305 -4.68 5.37 -5.90
CA GLN A 305 -4.95 4.52 -4.75
C GLN A 305 -4.26 5.10 -3.49
N LYS A 306 -2.96 5.30 -3.58
CA LYS A 306 -2.17 5.76 -2.50
C LYS A 306 -2.51 7.16 -2.02
N ALA A 307 -2.77 8.05 -2.95
CA ALA A 307 -3.18 9.43 -2.61
C ALA A 307 -4.48 9.28 -1.78
N ARG A 308 -5.39 8.45 -2.15
CA ARG A 308 -6.66 8.07 -1.59
C ARG A 308 -6.44 7.83 -0.08
N LEU A 309 -5.48 6.97 0.23
CA LEU A 309 -5.18 6.70 1.62
C LEU A 309 -4.57 7.85 2.39
N LEU A 310 -3.72 8.67 1.77
CA LEU A 310 -3.10 9.77 2.55
C LEU A 310 -4.20 10.75 2.96
N MET A 311 -5.05 11.09 2.01
CA MET A 311 -6.17 12.03 2.19
C MET A 311 -7.09 11.47 3.26
N ALA A 312 -7.49 10.21 3.22
CA ALA A 312 -8.39 9.64 4.25
C ALA A 312 -7.73 9.86 5.61
N LEU A 313 -6.44 9.57 5.75
CA LEU A 313 -5.67 9.75 6.99
C LEU A 313 -5.48 11.27 7.30
N ALA A 314 -5.29 12.12 6.28
CA ALA A 314 -5.13 13.57 6.36
C ALA A 314 -6.34 14.23 7.04
N LEU A 315 -7.54 13.93 6.52
CA LEU A 315 -8.77 14.48 7.02
C LEU A 315 -9.10 13.85 8.37
N THR A 316 -8.20 13.18 9.07
CA THR A 316 -8.48 12.67 10.44
C THR A 316 -7.85 13.74 11.36
N LYS A 317 -6.92 14.50 10.77
CA LYS A 317 -6.19 15.52 11.53
C LYS A 317 -6.46 16.98 11.13
N THR A 318 -6.74 17.32 9.90
CA THR A 318 -7.01 18.67 9.40
C THR A 318 -8.00 18.69 8.20
N ASN A 319 -8.42 19.92 7.94
CA ASN A 319 -9.36 20.23 6.84
C ASN A 319 -8.69 21.35 6.00
N ASP A 320 -7.57 21.74 6.53
CA ASP A 320 -6.70 22.76 6.03
C ASP A 320 -5.84 22.28 4.84
N ALA A 321 -6.17 22.66 3.64
CA ALA A 321 -5.63 22.36 2.34
C ALA A 321 -4.13 22.55 2.18
N LYS A 322 -3.51 23.49 2.87
CA LYS A 322 -2.06 23.73 2.86
C LYS A 322 -1.33 22.75 3.79
N GLU A 323 -1.86 22.40 4.94
CA GLU A 323 -1.19 21.51 5.85
C GLU A 323 -1.20 20.10 5.26
N ILE A 324 -2.23 19.79 4.48
CA ILE A 324 -2.38 18.49 3.80
C ILE A 324 -1.44 18.42 2.59
N GLN A 325 -1.43 19.52 1.86
CA GLN A 325 -0.54 19.72 0.71
C GLN A 325 0.84 19.44 1.27
N ASN A 326 1.00 19.90 2.51
CA ASN A 326 2.31 19.67 3.19
C ASN A 326 2.57 18.20 3.40
N MET A 327 1.66 17.31 3.64
CA MET A 327 1.92 15.88 3.86
C MET A 327 2.19 15.19 2.54
N PHE A 328 1.60 15.70 1.48
CA PHE A 328 1.81 15.08 0.15
C PHE A 328 3.23 15.32 -0.30
N TRP A 329 3.82 16.36 0.26
CA TRP A 329 5.23 16.69 -0.05
C TRP A 329 6.18 15.90 0.84
N ASN A 330 5.70 15.24 1.90
CA ASN A 330 6.57 14.53 2.83
C ASN A 330 6.65 13.03 2.95
N TYR A 331 5.66 12.28 2.51
CA TYR A 331 5.52 10.87 2.72
C TYR A 331 5.92 9.79 1.79
#